data_1VGN
#
_entry.id   1VGN
#
_cell.length_a   49.987
_cell.length_b   53.314
_cell.length_c   196.344
_cell.angle_alpha   90.00
_cell.angle_beta   90.00
_cell.angle_gamma   90.00
#
_symmetry.space_group_name_H-M   'P 21 21 21'
#
loop_
_entity.id
_entity.type
_entity.pdbx_description
1 polymer 'Beta-lactamase IMP-1'
2 non-polymer 'ZINC ION'
3 non-polymer 3-OXO-3-[(3-OXOPROPYL)SULFANYL]PROPANE-1-THIOLATE
4 non-polymer 'ACETIC ACID'
5 water water
#
_entity_poly.entity_id   1
_entity_poly.type   'polypeptide(L)'
_entity_poly.pdbx_seq_one_letter_code
;AESLPDLKIEKLDEGVYVHTSFEEVNGWGVVPKHGLVVLVNAEAYLIDTPFTAKDTEKLVTWFVERGYKIKGSISSHFHS
DSTGGIEWLNSRSIPTYASELTNELLKKDGKVQATNSFSGVNYWLVKNKIEVFYPGPGHTPDNVVVWLPERKILFGGCFI
KPYGLGNLGDANIEAWPKSAKLLKSKYGKAKLVVPSHSEVGDASLLKLTLEQAVKGLNESKKPSKPSN
;
_entity_poly.pdbx_strand_id   A,B
#
# COMPACT_ATOMS: atom_id res chain seq x y z
N LEU A 4 10.30 -9.11 -13.72
CA LEU A 4 11.25 -10.25 -13.56
C LEU A 4 10.93 -11.07 -12.30
N PRO A 5 10.69 -10.40 -11.15
CA PRO A 5 10.37 -11.10 -9.90
C PRO A 5 9.33 -12.21 -10.09
N ASP A 6 9.47 -13.29 -9.34
CA ASP A 6 8.55 -14.42 -9.44
C ASP A 6 7.16 -14.14 -8.88
N LEU A 7 6.18 -14.88 -9.40
CA LEU A 7 4.80 -14.76 -8.95
C LEU A 7 4.76 -14.97 -7.44
N LYS A 8 3.91 -14.23 -6.76
CA LYS A 8 3.76 -14.37 -5.32
C LYS A 8 2.32 -14.70 -4.98
N ILE A 9 2.14 -15.51 -3.95
CA ILE A 9 0.82 -15.90 -3.50
C ILE A 9 0.83 -15.79 -1.98
N GLU A 10 0.13 -14.79 -1.48
CA GLU A 10 0.08 -14.51 -0.05
C GLU A 10 -1.38 -14.59 0.42
N LYS A 11 -1.61 -15.27 1.53
CA LYS A 11 -2.97 -15.37 2.07
C LYS A 11 -3.35 -13.99 2.62
N LEU A 12 -4.53 -13.52 2.23
CA LEU A 12 -5.00 -12.21 2.67
C LEU A 12 -6.00 -12.30 3.82
N ASP A 13 -6.88 -13.29 3.75
CA ASP A 13 -7.89 -13.51 4.78
C ASP A 13 -8.44 -14.90 4.51
N GLU A 14 -9.31 -15.40 5.38
CA GLU A 14 -9.86 -16.74 5.18
C GLU A 14 -10.52 -16.91 3.83
N GLY A 15 -9.98 -17.82 3.03
CA GLY A 15 -10.53 -18.09 1.70
C GLY A 15 -10.15 -17.08 0.64
N VAL A 16 -9.29 -16.12 0.99
CA VAL A 16 -8.88 -15.09 0.04
C VAL A 16 -7.36 -14.93 -0.07
N TYR A 17 -6.86 -15.09 -1.28
CA TYR A 17 -5.43 -14.96 -1.54
C TYR A 17 -5.12 -13.86 -2.55
N VAL A 18 -3.97 -13.24 -2.39
CA VAL A 18 -3.54 -12.20 -3.29
C VAL A 18 -2.36 -12.72 -4.11
N HIS A 19 -2.50 -12.71 -5.43
CA HIS A 19 -1.43 -13.17 -6.28
C HIS A 19 -0.81 -11.97 -6.99
N THR A 20 0.52 -11.92 -6.96
CA THR A 20 1.27 -10.82 -7.56
C THR A 20 2.21 -11.31 -8.65
N SER A 21 2.10 -10.69 -9.82
CA SER A 21 2.93 -11.01 -10.96
C SER A 21 3.60 -9.69 -11.35
N PHE A 22 4.72 -9.76 -12.06
CA PHE A 22 5.41 -8.54 -12.46
C PHE A 22 5.71 -8.51 -13.95
N GLU A 23 5.65 -7.33 -14.54
CA GLU A 23 5.93 -7.21 -15.97
C GLU A 23 6.31 -5.80 -16.39
N GLU A 24 7.13 -5.72 -17.43
CA GLU A 24 7.58 -4.44 -17.97
C GLU A 24 6.39 -3.73 -18.61
N VAL A 25 6.24 -2.45 -18.32
CA VAL A 25 5.13 -1.66 -18.87
C VAL A 25 5.64 -0.33 -19.44
N ASN A 26 5.47 -0.15 -20.75
CA ASN A 26 5.93 1.06 -21.44
C ASN A 26 5.80 2.37 -20.67
N GLY A 27 6.92 2.84 -20.14
CA GLY A 27 6.91 4.10 -19.40
C GLY A 27 6.75 4.01 -17.90
N TRP A 28 6.42 2.83 -17.39
CA TRP A 28 6.25 2.65 -15.96
C TRP A 28 7.27 1.68 -15.38
N GLY A 29 8.11 1.14 -16.24
CA GLY A 29 9.12 0.19 -15.78
C GLY A 29 8.50 -1.12 -15.36
N VAL A 30 9.13 -1.80 -14.40
CA VAL A 30 8.62 -3.08 -13.89
C VAL A 30 7.50 -2.80 -12.89
N VAL A 31 6.29 -3.15 -13.28
CA VAL A 31 5.11 -2.93 -12.43
C VAL A 31 4.50 -4.22 -11.91
N PRO A 32 4.21 -4.27 -10.60
CA PRO A 32 3.61 -5.46 -9.98
C PRO A 32 2.09 -5.41 -10.12
N LYS A 33 1.48 -6.57 -10.39
CA LYS A 33 0.03 -6.63 -10.54
C LYS A 33 -0.59 -7.56 -9.50
N HIS A 34 -1.60 -7.06 -8.79
CA HIS A 34 -2.27 -7.85 -7.78
C HIS A 34 -3.65 -8.32 -8.23
N GLY A 35 -3.93 -9.58 -7.96
CA GLY A 35 -5.21 -10.17 -8.28
C GLY A 35 -5.57 -11.01 -7.08
N LEU A 36 -6.66 -11.74 -7.16
CA LEU A 36 -7.07 -12.58 -6.04
C LEU A 36 -7.40 -13.98 -6.50
N VAL A 37 -7.55 -14.86 -5.52
CA VAL A 37 -7.95 -16.24 -5.75
C VAL A 37 -8.92 -16.48 -4.60
N VAL A 38 -10.20 -16.55 -4.93
CA VAL A 38 -11.23 -16.76 -3.92
C VAL A 38 -11.62 -18.22 -3.76
N LEU A 39 -11.57 -18.69 -2.51
CA LEU A 39 -11.92 -20.06 -2.19
C LEU A 39 -13.40 -20.19 -1.85
N VAL A 40 -14.06 -21.13 -2.52
CA VAL A 40 -15.48 -21.37 -2.30
C VAL A 40 -15.73 -22.88 -2.19
N ASN A 41 -15.62 -23.41 -0.96
CA ASN A 41 -15.83 -24.83 -0.71
C ASN A 41 -14.97 -25.74 -1.58
N ALA A 42 -13.70 -25.90 -1.22
CA ALA A 42 -12.81 -26.79 -1.99
C ALA A 42 -12.60 -26.36 -3.44
N GLU A 43 -13.30 -25.33 -3.87
CA GLU A 43 -13.12 -24.82 -5.23
C GLU A 43 -12.53 -23.42 -5.15
N ALA A 44 -11.89 -22.99 -6.24
CA ALA A 44 -11.27 -21.67 -6.25
C ALA A 44 -11.62 -20.88 -7.50
N TYR A 45 -11.51 -19.56 -7.39
CA TYR A 45 -11.80 -18.66 -8.51
C TYR A 45 -10.67 -17.65 -8.61
N LEU A 46 -10.31 -17.32 -9.85
CA LEU A 46 -9.25 -16.36 -10.09
C LEU A 46 -9.87 -15.00 -10.38
N ILE A 47 -9.40 -13.98 -9.68
CA ILE A 47 -9.90 -12.64 -9.90
C ILE A 47 -8.72 -11.97 -10.61
N ASP A 48 -8.81 -11.94 -11.94
CA ASP A 48 -7.76 -11.37 -12.79
C ASP A 48 -6.63 -12.39 -12.96
N THR A 49 -6.14 -12.52 -14.18
CA THR A 49 -5.05 -13.45 -14.49
C THR A 49 -3.72 -12.73 -14.41
N PRO A 50 -2.63 -13.48 -14.18
CA PRO A 50 -1.32 -12.82 -14.12
C PRO A 50 -1.03 -12.37 -15.56
N PHE A 51 -0.05 -11.49 -15.75
CA PHE A 51 0.26 -11.02 -17.10
C PHE A 51 0.44 -12.15 -18.11
N THR A 52 1.21 -13.15 -17.72
CA THR A 52 1.51 -14.27 -18.62
C THR A 52 0.75 -15.56 -18.39
N ALA A 53 0.84 -16.43 -19.38
CA ALA A 53 0.19 -17.73 -19.34
C ALA A 53 0.98 -18.64 -18.40
N LYS A 54 2.28 -18.42 -18.30
CA LYS A 54 3.13 -19.22 -17.42
C LYS A 54 2.77 -18.99 -15.95
N ASP A 55 2.65 -17.72 -15.56
CA ASP A 55 2.29 -17.42 -14.18
C ASP A 55 0.86 -17.85 -13.92
N THR A 56 0.03 -17.80 -14.95
CA THR A 56 -1.37 -18.20 -14.81
C THR A 56 -1.43 -19.68 -14.45
N GLU A 57 -0.60 -20.49 -15.12
CA GLU A 57 -0.54 -21.92 -14.84
C GLU A 57 0.08 -22.22 -13.48
N LYS A 58 1.14 -21.51 -13.14
CA LYS A 58 1.79 -21.70 -11.85
C LYS A 58 0.78 -21.46 -10.74
N LEU A 59 -0.05 -20.44 -10.94
CA LEU A 59 -1.08 -20.07 -9.99
C LEU A 59 -2.12 -21.18 -9.89
N VAL A 60 -2.64 -21.58 -11.04
CA VAL A 60 -3.64 -22.65 -11.10
C VAL A 60 -3.09 -23.92 -10.45
N THR A 61 -1.86 -24.27 -10.82
CA THR A 61 -1.20 -25.45 -10.29
C THR A 61 -0.96 -25.37 -8.78
N TRP A 62 -0.61 -24.19 -8.29
CA TRP A 62 -0.35 -23.99 -6.87
C TRP A 62 -1.61 -24.32 -6.06
N PHE A 63 -2.77 -23.89 -6.57
CA PHE A 63 -4.02 -24.14 -5.88
C PHE A 63 -4.56 -25.56 -6.07
N VAL A 64 -4.26 -26.18 -7.20
CA VAL A 64 -4.72 -27.53 -7.44
C VAL A 64 -3.99 -28.48 -6.48
N GLU A 65 -2.73 -28.16 -6.19
CA GLU A 65 -1.92 -28.96 -5.29
C GLU A 65 -2.38 -28.80 -3.84
N ARG A 66 -3.10 -27.72 -3.56
CA ARG A 66 -3.58 -27.46 -2.21
C ARG A 66 -5.00 -28.01 -2.00
N GLY A 67 -5.52 -28.70 -3.02
CA GLY A 67 -6.84 -29.29 -2.92
C GLY A 67 -7.97 -28.48 -3.52
N TYR A 68 -7.66 -27.40 -4.21
CA TYR A 68 -8.70 -26.55 -4.79
C TYR A 68 -8.77 -26.58 -6.31
N LYS A 69 -9.93 -27.03 -6.80
CA LYS A 69 -10.21 -27.09 -8.22
C LYS A 69 -10.51 -25.68 -8.70
N ILE A 70 -10.00 -25.31 -9.87
CA ILE A 70 -10.24 -23.97 -10.40
C ILE A 70 -11.59 -23.99 -11.12
N LYS A 71 -12.61 -23.42 -10.50
CA LYS A 71 -13.95 -23.41 -11.07
C LYS A 71 -14.18 -22.34 -12.13
N GLY A 72 -13.42 -21.26 -12.06
CA GLY A 72 -13.58 -20.20 -13.04
C GLY A 72 -12.66 -19.01 -12.81
N SER A 73 -12.56 -18.15 -13.83
CA SER A 73 -11.71 -16.97 -13.77
C SER A 73 -12.48 -15.74 -14.26
N ILE A 74 -12.28 -14.60 -13.60
CA ILE A 74 -12.94 -13.35 -13.97
C ILE A 74 -11.89 -12.25 -14.16
N SER A 75 -12.04 -11.48 -15.24
CA SER A 75 -11.11 -10.38 -15.53
C SER A 75 -11.82 -9.03 -15.31
N SER A 76 -11.21 -8.14 -14.53
CA SER A 76 -11.79 -6.84 -14.24
C SER A 76 -11.84 -5.85 -15.40
N HIS A 77 -10.87 -5.93 -16.30
CA HIS A 77 -10.87 -5.05 -17.48
C HIS A 77 -10.00 -5.67 -18.58
N PHE A 78 -10.07 -5.14 -19.79
CA PHE A 78 -9.34 -5.74 -20.92
C PHE A 78 -7.82 -5.67 -21.01
N HIS A 79 -7.17 -4.76 -20.28
CA HIS A 79 -5.72 -4.68 -20.34
C HIS A 79 -5.09 -6.04 -20.04
N SER A 80 -4.01 -6.36 -20.75
CA SER A 80 -3.33 -7.65 -20.62
C SER A 80 -2.93 -8.06 -19.21
N ASP A 81 -2.92 -7.13 -18.26
CA ASP A 81 -2.53 -7.50 -16.90
C ASP A 81 -3.68 -8.12 -16.11
N SER A 82 -4.83 -8.26 -16.76
CA SER A 82 -6.02 -8.87 -16.14
C SER A 82 -6.52 -10.01 -17.01
N THR A 83 -6.12 -10.00 -18.28
CA THR A 83 -6.57 -10.99 -19.24
C THR A 83 -5.47 -11.83 -19.89
N GLY A 84 -4.22 -11.60 -19.48
CA GLY A 84 -3.09 -12.32 -20.05
C GLY A 84 -3.22 -13.83 -20.17
N GLY A 85 -3.79 -14.47 -19.14
CA GLY A 85 -3.92 -15.92 -19.17
C GLY A 85 -5.22 -16.52 -19.64
N ILE A 86 -6.03 -15.76 -20.39
CA ILE A 86 -7.30 -16.29 -20.86
C ILE A 86 -7.15 -17.34 -21.98
N GLU A 87 -6.15 -17.17 -22.84
CA GLU A 87 -5.97 -18.16 -23.90
C GLU A 87 -5.60 -19.50 -23.28
N TRP A 88 -4.70 -19.47 -22.31
CA TRP A 88 -4.28 -20.70 -21.65
C TRP A 88 -5.44 -21.34 -20.89
N LEU A 89 -6.16 -20.53 -20.12
CA LEU A 89 -7.29 -21.03 -19.33
C LEU A 89 -8.37 -21.68 -20.20
N ASN A 90 -8.72 -21.03 -21.31
CA ASN A 90 -9.73 -21.59 -22.20
C ASN A 90 -9.25 -22.90 -22.83
N SER A 91 -7.96 -22.99 -23.11
CA SER A 91 -7.38 -24.20 -23.71
C SER A 91 -7.49 -25.37 -22.74
N ARG A 92 -7.62 -25.06 -21.45
CA ARG A 92 -7.75 -26.08 -20.41
C ARG A 92 -9.21 -26.26 -20.01
N SER A 93 -10.10 -25.68 -20.80
CA SER A 93 -11.54 -25.76 -20.55
C SER A 93 -12.01 -25.15 -19.23
N ILE A 94 -11.24 -24.21 -18.69
CA ILE A 94 -11.62 -23.56 -17.44
C ILE A 94 -12.46 -22.33 -17.76
N PRO A 95 -13.69 -22.27 -17.22
CA PRO A 95 -14.62 -21.16 -17.45
C PRO A 95 -13.99 -19.79 -17.19
N THR A 96 -14.07 -18.93 -18.20
CA THR A 96 -13.53 -17.58 -18.09
C THR A 96 -14.63 -16.53 -18.30
N TYR A 97 -14.61 -15.47 -17.51
CA TYR A 97 -15.63 -14.42 -17.60
C TYR A 97 -15.07 -13.00 -17.74
N ALA A 98 -15.83 -12.16 -18.44
CA ALA A 98 -15.47 -10.76 -18.66
C ALA A 98 -16.74 -10.03 -19.09
N SER A 99 -16.85 -8.76 -18.75
CA SER A 99 -18.04 -8.01 -19.14
C SER A 99 -18.13 -7.97 -20.66
N GLU A 100 -19.31 -7.66 -21.18
CA GLU A 100 -19.49 -7.59 -22.62
C GLU A 100 -18.62 -6.50 -23.21
N LEU A 101 -18.49 -5.39 -22.49
CA LEU A 101 -17.66 -4.29 -22.94
C LEU A 101 -16.20 -4.73 -23.02
N THR A 102 -15.79 -5.56 -22.07
CA THR A 102 -14.43 -6.04 -22.02
C THR A 102 -14.10 -6.95 -23.21
N ASN A 103 -15.01 -7.89 -23.51
CA ASN A 103 -14.79 -8.79 -24.63
C ASN A 103 -14.76 -8.04 -25.96
N GLU A 104 -15.58 -6.99 -26.06
CA GLU A 104 -15.63 -6.20 -27.28
C GLU A 104 -14.29 -5.50 -27.48
N LEU A 105 -13.72 -5.01 -26.39
CA LEU A 105 -12.44 -4.32 -26.44
C LEU A 105 -11.33 -5.33 -26.73
N LEU A 106 -11.46 -6.53 -26.16
CA LEU A 106 -10.46 -7.59 -26.37
C LEU A 106 -10.48 -8.02 -27.82
N LYS A 107 -11.66 -8.05 -28.41
CA LYS A 107 -11.81 -8.44 -29.80
C LYS A 107 -11.27 -7.34 -30.69
N LYS A 108 -11.46 -6.09 -30.25
CA LYS A 108 -11.01 -4.93 -30.99
C LYS A 108 -9.49 -4.84 -31.06
N ASP A 109 -8.81 -5.37 -30.05
CA ASP A 109 -7.35 -5.33 -30.01
C ASP A 109 -6.67 -6.65 -30.41
N GLY A 110 -7.45 -7.55 -31.01
CA GLY A 110 -6.90 -8.83 -31.44
C GLY A 110 -6.52 -9.78 -30.32
N LYS A 111 -7.26 -9.76 -29.22
CA LYS A 111 -6.98 -10.63 -28.09
C LYS A 111 -8.03 -11.72 -27.94
N VAL A 112 -7.68 -12.79 -27.24
CA VAL A 112 -8.61 -13.90 -27.00
C VAL A 112 -9.63 -13.38 -25.99
N GLN A 113 -10.90 -13.72 -26.19
CA GLN A 113 -11.96 -13.26 -25.31
C GLN A 113 -12.38 -14.29 -24.28
N ALA A 114 -13.01 -13.81 -23.20
CA ALA A 114 -13.49 -14.70 -22.16
C ALA A 114 -14.61 -15.51 -22.80
N THR A 115 -14.86 -16.70 -22.27
CA THR A 115 -15.89 -17.56 -22.83
C THR A 115 -17.29 -17.11 -22.43
N ASN A 116 -17.40 -16.53 -21.24
CA ASN A 116 -18.70 -16.08 -20.73
C ASN A 116 -18.70 -14.59 -20.43
N SER A 117 -19.70 -13.89 -20.97
CA SER A 117 -19.80 -12.46 -20.74
C SER A 117 -21.00 -12.11 -19.85
N PHE A 118 -21.09 -10.85 -19.47
CA PHE A 118 -22.16 -10.34 -18.62
C PHE A 118 -22.15 -8.82 -18.71
N SER A 119 -23.25 -8.20 -18.33
CA SER A 119 -23.33 -6.74 -18.36
C SER A 119 -24.32 -6.22 -17.33
N GLY A 120 -24.38 -4.90 -17.18
CA GLY A 120 -25.29 -4.31 -16.22
C GLY A 120 -24.54 -3.72 -15.04
N VAL A 121 -25.28 -3.38 -14.00
CA VAL A 121 -24.68 -2.80 -12.80
C VAL A 121 -24.10 -3.86 -11.87
N ASN A 122 -24.90 -4.89 -11.58
CA ASN A 122 -24.45 -5.96 -10.70
C ASN A 122 -24.60 -7.32 -11.36
N TYR A 123 -23.73 -8.25 -10.96
CA TYR A 123 -23.73 -9.59 -11.50
C TYR A 123 -23.07 -10.51 -10.48
N TRP A 124 -23.72 -11.64 -10.19
CA TRP A 124 -23.16 -12.58 -9.23
C TRP A 124 -22.38 -13.70 -9.91
N LEU A 125 -21.06 -13.71 -9.74
CA LEU A 125 -20.26 -14.77 -10.32
C LEU A 125 -20.64 -16.01 -9.50
N VAL A 126 -20.78 -15.78 -8.20
CA VAL A 126 -21.17 -16.82 -7.26
C VAL A 126 -22.09 -16.20 -6.21
N LYS A 127 -23.36 -16.61 -6.22
CA LYS A 127 -24.35 -16.10 -5.27
C LYS A 127 -23.84 -15.90 -3.85
N ASN A 128 -24.06 -14.69 -3.33
CA ASN A 128 -23.68 -14.34 -1.97
C ASN A 128 -22.20 -14.43 -1.61
N LYS A 129 -21.36 -14.82 -2.56
CA LYS A 129 -19.94 -14.94 -2.28
C LYS A 129 -19.05 -14.05 -3.15
N ILE A 130 -19.35 -14.01 -4.44
CA ILE A 130 -18.56 -13.20 -5.37
C ILE A 130 -19.48 -12.35 -6.25
N GLU A 131 -19.52 -11.05 -5.98
CA GLU A 131 -20.34 -10.14 -6.75
C GLU A 131 -19.47 -9.18 -7.56
N VAL A 132 -19.93 -8.85 -8.76
CA VAL A 132 -19.20 -7.95 -9.65
C VAL A 132 -19.98 -6.66 -9.84
N PHE A 133 -19.30 -5.53 -9.63
CA PHE A 133 -19.92 -4.21 -9.75
C PHE A 133 -19.26 -3.32 -10.81
N TYR A 134 -20.09 -2.64 -11.60
CA TYR A 134 -19.63 -1.73 -12.63
C TYR A 134 -19.95 -0.30 -12.20
N PRO A 135 -18.93 0.47 -11.77
CA PRO A 135 -19.08 1.85 -11.32
C PRO A 135 -19.19 2.87 -12.45
N GLY A 136 -18.83 2.43 -13.66
CA GLY A 136 -18.87 3.32 -14.81
C GLY A 136 -17.47 3.48 -15.35
N PRO A 137 -17.28 4.17 -16.48
CA PRO A 137 -15.94 4.35 -17.06
C PRO A 137 -14.99 5.12 -16.14
N GLY A 138 -13.71 4.76 -16.19
CA GLY A 138 -12.71 5.43 -15.37
C GLY A 138 -11.34 5.15 -15.94
N HIS A 139 -10.65 4.18 -15.35
CA HIS A 139 -9.33 3.75 -15.82
C HIS A 139 -9.51 3.28 -17.26
N THR A 140 -10.59 2.56 -17.51
CA THR A 140 -10.94 2.07 -18.84
C THR A 140 -12.46 2.13 -18.97
N PRO A 141 -12.97 2.05 -20.20
CA PRO A 141 -14.42 2.10 -20.41
C PRO A 141 -15.19 0.93 -19.78
N ASP A 142 -14.49 -0.20 -19.66
CA ASP A 142 -15.06 -1.44 -19.16
C ASP A 142 -14.79 -1.88 -17.73
N ASN A 143 -13.85 -1.23 -17.06
CA ASN A 143 -13.49 -1.65 -15.70
C ASN A 143 -14.63 -1.93 -14.72
N VAL A 144 -14.53 -3.10 -14.07
CA VAL A 144 -15.50 -3.53 -13.06
C VAL A 144 -14.70 -3.89 -11.82
N VAL A 145 -15.40 -3.99 -10.69
CA VAL A 145 -14.75 -4.37 -9.44
C VAL A 145 -15.40 -5.64 -8.91
N VAL A 146 -14.75 -6.29 -7.96
CA VAL A 146 -15.28 -7.52 -7.41
C VAL A 146 -15.44 -7.39 -5.89
N TRP A 147 -16.65 -7.70 -5.41
CA TRP A 147 -16.96 -7.60 -3.98
C TRP A 147 -17.15 -8.97 -3.34
N LEU A 148 -16.59 -9.14 -2.15
CA LEU A 148 -16.72 -10.39 -1.42
C LEU A 148 -17.47 -10.10 -0.12
N PRO A 149 -18.81 -10.23 -0.15
CA PRO A 149 -19.70 -9.99 0.98
C PRO A 149 -19.27 -10.56 2.33
N GLU A 150 -18.90 -11.83 2.33
CA GLU A 150 -18.50 -12.53 3.55
C GLU A 150 -17.28 -11.98 4.26
N ARG A 151 -16.26 -11.56 3.52
CA ARG A 151 -15.06 -11.03 4.13
C ARG A 151 -14.98 -9.51 4.10
N LYS A 152 -15.99 -8.88 3.51
CA LYS A 152 -16.03 -7.42 3.41
C LYS A 152 -14.79 -6.92 2.67
N ILE A 153 -14.41 -7.64 1.62
CA ILE A 153 -13.25 -7.30 0.82
C ILE A 153 -13.66 -6.87 -0.58
N LEU A 154 -13.02 -5.83 -1.09
CA LEU A 154 -13.31 -5.31 -2.43
C LEU A 154 -12.06 -5.27 -3.29
N PHE A 155 -12.15 -5.90 -4.46
CA PHE A 155 -11.03 -5.88 -5.38
C PHE A 155 -11.29 -4.73 -6.34
N GLY A 156 -10.51 -3.66 -6.21
CA GLY A 156 -10.69 -2.50 -7.06
C GLY A 156 -10.07 -2.61 -8.44
N GLY A 157 -9.10 -3.50 -8.59
CA GLY A 157 -8.45 -3.65 -9.87
C GLY A 157 -7.62 -2.42 -10.22
N CYS A 158 -7.67 -2.01 -11.47
CA CYS A 158 -6.91 -0.85 -11.91
C CYS A 158 -7.75 0.42 -11.90
N PHE A 159 -8.90 0.35 -11.24
CA PHE A 159 -9.77 1.52 -11.13
C PHE A 159 -9.30 2.32 -9.93
N ILE A 160 -8.81 1.60 -8.92
CA ILE A 160 -8.31 2.22 -7.70
C ILE A 160 -6.88 2.75 -7.88
N LYS A 161 -6.79 4.05 -8.15
CA LYS A 161 -5.52 4.74 -8.36
C LYS A 161 -5.26 5.88 -7.36
N PRO A 162 -5.13 5.53 -6.07
CA PRO A 162 -4.90 6.44 -4.94
C PRO A 162 -3.76 7.47 -4.97
N TYR A 163 -2.72 7.24 -5.76
CA TYR A 163 -1.60 8.18 -5.78
C TYR A 163 -1.31 8.79 -7.15
N GLY A 164 -2.10 8.40 -8.14
CA GLY A 164 -1.92 8.90 -9.48
C GLY A 164 -2.80 8.07 -10.40
N LEU A 165 -3.30 8.67 -11.47
CA LEU A 165 -4.18 7.95 -12.38
C LEU A 165 -3.47 6.99 -13.32
N GLY A 166 -2.14 6.98 -13.27
CA GLY A 166 -1.36 6.07 -14.10
C GLY A 166 -1.58 6.13 -15.59
N ASN A 167 -1.70 4.95 -16.20
CA ASN A 167 -1.89 4.80 -17.65
C ASN A 167 -3.24 5.34 -18.12
N LEU A 168 -3.22 6.51 -18.75
CA LEU A 168 -4.44 7.14 -19.25
C LEU A 168 -4.75 6.82 -20.71
N GLY A 169 -4.06 5.82 -21.25
CA GLY A 169 -4.27 5.45 -22.64
C GLY A 169 -5.71 5.18 -23.02
N ASP A 170 -6.47 4.57 -22.12
CA ASP A 170 -7.87 4.27 -22.40
C ASP A 170 -8.83 4.82 -21.35
N ALA A 171 -8.33 5.74 -20.53
CA ALA A 171 -9.14 6.33 -19.47
C ALA A 171 -10.18 7.34 -19.94
N ASN A 172 -11.29 7.41 -19.21
CA ASN A 172 -12.37 8.34 -19.47
C ASN A 172 -12.29 9.31 -18.30
N ILE A 173 -11.41 10.28 -18.42
CA ILE A 173 -11.19 11.26 -17.36
C ILE A 173 -12.41 12.11 -17.01
N GLU A 174 -13.32 12.29 -17.97
CA GLU A 174 -14.52 13.08 -17.73
C GLU A 174 -15.47 12.35 -16.79
N ALA A 175 -15.58 11.03 -16.98
CA ALA A 175 -16.47 10.22 -16.17
C ALA A 175 -15.86 9.60 -14.91
N TRP A 176 -14.55 9.47 -14.89
CA TRP A 176 -13.88 8.86 -13.73
C TRP A 176 -14.34 9.39 -12.38
N PRO A 177 -14.38 10.72 -12.19
CA PRO A 177 -14.82 11.22 -10.88
C PRO A 177 -16.26 10.83 -10.50
N LYS A 178 -17.16 10.79 -11.48
CA LYS A 178 -18.54 10.39 -11.18
C LYS A 178 -18.59 8.92 -10.80
N SER A 179 -17.78 8.10 -11.49
CA SER A 179 -17.72 6.67 -11.24
C SER A 179 -17.11 6.36 -9.87
N ALA A 180 -16.10 7.12 -9.49
CA ALA A 180 -15.43 6.94 -8.21
C ALA A 180 -16.33 7.34 -7.06
N LYS A 181 -17.19 8.33 -7.30
CA LYS A 181 -18.13 8.79 -6.28
C LYS A 181 -19.08 7.64 -6.02
N LEU A 182 -19.59 7.06 -7.09
CA LEU A 182 -20.53 5.94 -7.01
C LEU A 182 -19.95 4.76 -6.25
N LEU A 183 -18.72 4.39 -6.61
CA LEU A 183 -18.04 3.27 -5.97
C LEU A 183 -17.83 3.49 -4.48
N LYS A 184 -17.43 4.71 -4.12
CA LYS A 184 -17.17 5.04 -2.73
C LYS A 184 -18.40 4.96 -1.82
N SER A 185 -19.54 5.44 -2.30
CA SER A 185 -20.76 5.41 -1.50
C SER A 185 -21.31 4.00 -1.40
N LYS A 186 -21.03 3.18 -2.40
CA LYS A 186 -21.52 1.80 -2.42
C LYS A 186 -20.70 0.84 -1.54
N TYR A 187 -19.39 1.03 -1.50
CA TYR A 187 -18.54 0.13 -0.71
C TYR A 187 -17.72 0.79 0.38
N GLY A 188 -18.29 1.79 1.05
CA GLY A 188 -17.57 2.46 2.13
C GLY A 188 -17.55 1.55 3.33
N LYS A 189 -18.33 0.48 3.25
CA LYS A 189 -18.45 -0.53 4.29
C LYS A 189 -17.33 -1.56 4.17
N ALA A 190 -16.49 -1.39 3.15
CA ALA A 190 -15.38 -2.30 2.91
C ALA A 190 -14.37 -2.32 4.05
N LYS A 191 -13.93 -3.52 4.42
CA LYS A 191 -12.95 -3.70 5.47
C LYS A 191 -11.58 -3.63 4.83
N LEU A 192 -11.50 -4.06 3.57
CA LEU A 192 -10.24 -4.05 2.82
C LEU A 192 -10.47 -3.75 1.34
N VAL A 193 -9.56 -2.97 0.75
CA VAL A 193 -9.63 -2.63 -0.66
C VAL A 193 -8.31 -3.06 -1.27
N VAL A 194 -8.38 -3.89 -2.30
CA VAL A 194 -7.17 -4.38 -2.96
C VAL A 194 -6.98 -3.79 -4.35
N PRO A 195 -5.97 -2.92 -4.51
CA PRO A 195 -5.69 -2.29 -5.80
C PRO A 195 -4.85 -3.23 -6.66
N SER A 196 -4.80 -2.97 -7.96
CA SER A 196 -4.02 -3.79 -8.86
C SER A 196 -2.54 -3.40 -8.80
N HIS A 197 -2.27 -2.11 -8.58
CA HIS A 197 -0.90 -1.63 -8.57
C HIS A 197 -0.43 -0.89 -7.31
N SER A 198 -1.19 -1.03 -6.22
CA SER A 198 -0.83 -0.39 -4.96
C SER A 198 -0.99 -1.45 -3.89
N GLU A 199 -0.47 -1.18 -2.69
CA GLU A 199 -0.60 -2.16 -1.62
C GLU A 199 -2.00 -2.08 -1.04
N VAL A 200 -2.41 -3.12 -0.32
CA VAL A 200 -3.74 -3.19 0.28
C VAL A 200 -4.00 -2.15 1.36
N GLY A 201 -5.26 -1.70 1.44
CA GLY A 201 -5.65 -0.71 2.43
C GLY A 201 -7.10 -0.85 2.81
N ASP A 202 -7.69 0.22 3.33
CA ASP A 202 -9.09 0.21 3.74
C ASP A 202 -9.97 1.09 2.85
N ALA A 203 -11.17 1.39 3.34
CA ALA A 203 -12.14 2.20 2.62
C ALA A 203 -11.64 3.60 2.26
N SER A 204 -10.50 4.00 2.82
CA SER A 204 -9.95 5.31 2.53
C SER A 204 -9.37 5.37 1.12
N LEU A 205 -8.99 4.20 0.58
CA LEU A 205 -8.44 4.17 -0.76
C LEU A 205 -9.51 4.60 -1.77
N LEU A 206 -10.77 4.55 -1.35
CA LEU A 206 -11.86 4.95 -2.21
C LEU A 206 -11.90 6.47 -2.29
N LYS A 207 -11.61 7.12 -1.17
CA LYS A 207 -11.59 8.58 -1.12
C LYS A 207 -10.40 9.10 -1.94
N LEU A 208 -9.23 8.50 -1.73
CA LEU A 208 -8.02 8.91 -2.44
C LEU A 208 -8.21 8.80 -3.94
N THR A 209 -8.88 7.75 -4.38
CA THR A 209 -9.12 7.55 -5.81
C THR A 209 -10.02 8.65 -6.35
N LEU A 210 -11.06 8.98 -5.60
CA LEU A 210 -11.99 10.04 -6.00
C LEU A 210 -11.26 11.37 -6.18
N GLU A 211 -10.36 11.68 -5.26
CA GLU A 211 -9.59 12.92 -5.31
C GLU A 211 -8.65 12.98 -6.51
N GLN A 212 -8.00 11.87 -6.83
CA GLN A 212 -7.09 11.81 -7.97
C GLN A 212 -7.87 12.02 -9.27
N ALA A 213 -9.05 11.42 -9.35
CA ALA A 213 -9.89 11.53 -10.55
C ALA A 213 -10.32 12.99 -10.74
N VAL A 214 -10.93 13.55 -9.69
CA VAL A 214 -11.34 14.93 -9.68
C VAL A 214 -10.11 15.77 -10.08
N LYS A 215 -9.00 15.58 -9.38
CA LYS A 215 -7.78 16.35 -9.69
C LYS A 215 -7.51 16.16 -11.19
N GLY A 216 -7.53 14.89 -11.62
CA GLY A 216 -7.31 14.50 -13.01
C GLY A 216 -8.11 15.27 -14.04
N LEU A 217 -9.40 15.51 -13.78
CA LEU A 217 -10.25 16.24 -14.73
C LEU A 217 -9.88 17.74 -14.68
N ASN A 218 -9.85 18.32 -13.48
CA ASN A 218 -9.45 19.73 -13.33
C ASN A 218 -8.17 19.87 -14.15
N GLU A 219 -7.18 19.04 -13.82
CA GLU A 219 -5.87 19.07 -14.46
C GLU A 219 -5.85 18.90 -15.97
N SER A 220 -7.03 18.78 -16.58
CA SER A 220 -7.13 18.64 -18.02
C SER A 220 -7.71 19.90 -18.64
N LEU B 4 7.58 8.98 -9.16
CA LEU B 4 7.25 10.07 -10.12
C LEU B 4 6.22 11.06 -9.54
N PRO B 5 5.42 10.63 -8.55
CA PRO B 5 4.46 11.59 -8.00
C PRO B 5 5.21 12.59 -7.13
N ASP B 6 4.81 13.86 -7.21
CA ASP B 6 5.48 14.90 -6.44
C ASP B 6 5.24 14.83 -4.94
N LEU B 7 6.16 15.41 -4.18
CA LEU B 7 6.08 15.46 -2.73
C LEU B 7 4.90 16.32 -2.34
N LYS B 8 4.16 15.90 -1.33
CA LYS B 8 3.00 16.65 -0.85
C LYS B 8 3.02 16.79 0.66
N ILE B 9 2.56 17.94 1.15
CA ILE B 9 2.53 18.21 2.58
C ILE B 9 1.10 18.59 2.99
N GLU B 10 0.42 17.65 3.63
CA GLU B 10 -0.96 17.88 4.07
C GLU B 10 -1.02 18.06 5.58
N LYS B 11 -1.80 19.04 6.02
CA LYS B 11 -1.95 19.30 7.45
C LYS B 11 -2.78 18.16 8.04
N LEU B 12 -2.21 17.48 9.03
CA LEU B 12 -2.89 16.36 9.68
C LEU B 12 -3.63 16.79 10.94
N ASP B 13 -3.10 17.82 11.58
CA ASP B 13 -3.68 18.35 12.81
C ASP B 13 -3.13 19.76 12.95
N GLU B 14 -3.18 20.28 14.18
CA GLU B 14 -2.67 21.62 14.43
C GLU B 14 -1.21 21.44 14.82
N GLY B 15 -0.33 22.13 14.11
CA GLY B 15 1.09 22.01 14.40
C GLY B 15 1.63 20.64 14.04
N VAL B 16 0.86 19.90 13.23
CA VAL B 16 1.26 18.57 12.79
C VAL B 16 0.91 18.34 11.33
N TYR B 17 1.94 18.13 10.52
CA TYR B 17 1.75 17.88 9.10
C TYR B 17 2.25 16.49 8.70
N VAL B 18 1.77 16.02 7.55
CA VAL B 18 2.17 14.73 7.03
C VAL B 18 2.84 14.96 5.69
N HIS B 19 4.12 14.57 5.58
CA HIS B 19 4.82 14.73 4.31
C HIS B 19 4.89 13.39 3.62
N THR B 20 4.53 13.38 2.33
CA THR B 20 4.52 12.16 1.54
C THR B 20 5.46 12.21 0.35
N SER B 21 6.36 11.25 0.28
CA SER B 21 7.30 11.17 -0.83
C SER B 21 7.19 9.79 -1.45
N PHE B 22 7.57 9.66 -2.72
CA PHE B 22 7.46 8.37 -3.40
C PHE B 22 8.76 7.94 -4.06
N GLU B 23 8.88 6.63 -4.28
CA GLU B 23 10.06 6.08 -4.92
C GLU B 23 9.87 4.62 -5.29
N GLU B 24 10.57 4.19 -6.33
CA GLU B 24 10.50 2.83 -6.80
C GLU B 24 11.29 1.89 -5.90
N VAL B 25 10.69 0.76 -5.57
CA VAL B 25 11.31 -0.24 -4.72
C VAL B 25 11.12 -1.61 -5.35
N ASN B 26 12.23 -2.21 -5.76
CA ASN B 26 12.22 -3.52 -6.40
C ASN B 26 11.32 -4.53 -5.70
N GLY B 27 10.23 -4.92 -6.37
CA GLY B 27 9.31 -5.87 -5.81
C GLY B 27 8.06 -5.27 -5.21
N TRP B 28 8.00 -3.95 -5.11
CA TRP B 28 6.83 -3.30 -4.53
C TRP B 28 6.28 -2.16 -5.36
N GLY B 29 6.97 -1.83 -6.46
CA GLY B 29 6.51 -0.76 -7.32
C GLY B 29 6.69 0.61 -6.68
N VAL B 30 5.97 1.60 -7.19
CA VAL B 30 6.04 2.96 -6.67
C VAL B 30 5.44 2.98 -5.26
N VAL B 31 6.32 3.10 -4.26
CA VAL B 31 5.90 3.09 -2.86
C VAL B 31 5.75 4.48 -2.24
N PRO B 32 4.59 4.75 -1.63
CA PRO B 32 4.35 6.05 -0.98
C PRO B 32 4.99 5.98 0.41
N LYS B 33 5.50 7.11 0.89
CA LYS B 33 6.14 7.13 2.20
C LYS B 33 5.68 8.34 3.01
N HIS B 34 5.09 8.06 4.18
CA HIS B 34 4.60 9.12 5.05
C HIS B 34 5.59 9.41 6.17
N GLY B 35 5.64 10.68 6.55
CA GLY B 35 6.51 11.14 7.61
C GLY B 35 5.81 12.34 8.20
N LEU B 36 6.24 12.79 9.38
CA LEU B 36 5.59 13.94 9.99
C LEU B 36 6.50 15.13 10.15
N VAL B 37 5.89 16.26 10.46
CA VAL B 37 6.59 17.51 10.70
C VAL B 37 5.86 18.16 11.86
N VAL B 38 6.46 18.09 13.04
CA VAL B 38 5.86 18.65 14.24
C VAL B 38 6.35 20.06 14.50
N LEU B 39 5.41 20.97 14.78
CA LEU B 39 5.74 22.36 15.03
C LEU B 39 5.90 22.67 16.52
N VAL B 40 6.88 23.52 16.83
CA VAL B 40 7.16 23.94 18.20
C VAL B 40 7.65 25.39 18.21
N ASN B 41 6.72 26.33 18.43
CA ASN B 41 7.04 27.75 18.47
C ASN B 41 7.87 28.22 17.27
N ALA B 42 7.24 28.41 16.13
CA ALA B 42 7.96 28.87 14.95
C ALA B 42 9.14 27.97 14.59
N GLU B 43 9.24 26.82 15.25
CA GLU B 43 10.30 25.86 14.98
C GLU B 43 9.61 24.59 14.50
N ALA B 44 10.37 23.66 13.95
CA ALA B 44 9.78 22.42 13.46
C ALA B 44 10.74 21.25 13.47
N TYR B 45 10.24 20.08 13.83
CA TYR B 45 11.04 18.87 13.87
C TYR B 45 10.59 17.89 12.80
N LEU B 46 11.57 17.26 12.16
CA LEU B 46 11.28 16.31 11.10
C LEU B 46 11.23 14.88 11.61
N ILE B 47 10.09 14.22 11.40
CA ILE B 47 9.92 12.84 11.80
C ILE B 47 10.11 12.06 10.50
N ASP B 48 11.28 11.44 10.36
CA ASP B 48 11.64 10.69 9.16
C ASP B 48 11.88 11.66 8.01
N THR B 49 12.76 11.26 7.09
CA THR B 49 13.10 12.09 5.94
C THR B 49 12.75 11.42 4.61
N PRO B 50 12.39 12.21 3.60
CA PRO B 50 12.03 11.68 2.28
C PRO B 50 13.21 10.87 1.72
N PHE B 51 12.95 10.02 0.73
CA PHE B 51 14.00 9.19 0.15
C PHE B 51 15.22 9.96 -0.31
N THR B 52 15.01 11.12 -0.94
CA THR B 52 16.10 11.92 -1.48
C THR B 52 16.46 13.22 -0.76
N ALA B 53 17.62 13.74 -1.13
CA ALA B 53 18.11 15.00 -0.58
C ALA B 53 17.23 16.11 -1.13
N LYS B 54 16.89 16.01 -2.43
CA LYS B 54 16.05 17.00 -3.08
C LYS B 54 14.67 17.15 -2.42
N ASP B 55 13.97 16.05 -2.19
CA ASP B 55 12.66 16.14 -1.54
C ASP B 55 12.86 16.78 -0.18
N THR B 56 13.89 16.31 0.54
CA THR B 56 14.21 16.83 1.86
C THR B 56 14.35 18.35 1.81
N GLU B 57 15.04 18.84 0.77
CA GLU B 57 15.26 20.26 0.59
C GLU B 57 13.93 20.99 0.40
N LYS B 58 13.10 20.47 -0.52
CA LYS B 58 11.80 21.07 -0.78
C LYS B 58 10.96 21.09 0.50
N LEU B 59 11.05 20.02 1.28
CA LEU B 59 10.31 19.92 2.53
C LEU B 59 10.75 21.01 3.49
N VAL B 60 12.05 21.00 3.80
CA VAL B 60 12.65 21.97 4.71
C VAL B 60 12.26 23.40 4.30
N THR B 61 12.36 23.68 3.01
CA THR B 61 12.03 24.99 2.49
C THR B 61 10.57 25.38 2.71
N TRP B 62 9.65 24.52 2.26
CA TRP B 62 8.23 24.79 2.41
C TRP B 62 7.91 25.37 3.79
N PHE B 63 8.59 24.85 4.81
CA PHE B 63 8.37 25.28 6.18
C PHE B 63 9.13 26.54 6.58
N VAL B 64 10.39 26.65 6.17
CA VAL B 64 11.17 27.84 6.48
C VAL B 64 10.42 28.97 5.78
N GLU B 65 10.02 28.68 4.55
CA GLU B 65 9.29 29.60 3.70
C GLU B 65 8.05 30.11 4.42
N ARG B 66 7.52 29.29 5.34
CA ARG B 66 6.33 29.65 6.09
C ARG B 66 6.67 30.32 7.42
N GLY B 67 7.96 30.51 7.68
CA GLY B 67 8.39 31.14 8.91
C GLY B 67 8.60 30.16 10.05
N TYR B 68 9.39 29.13 9.80
CA TYR B 68 9.69 28.11 10.80
C TYR B 68 11.15 27.68 10.73
N LYS B 69 11.77 27.56 11.90
CA LYS B 69 13.16 27.15 11.99
C LYS B 69 13.23 25.64 12.14
N ILE B 70 14.15 25.00 11.44
CA ILE B 70 14.30 23.55 11.51
C ILE B 70 15.23 23.17 12.65
N LYS B 71 14.63 22.96 13.83
CA LYS B 71 15.38 22.61 15.04
C LYS B 71 16.15 21.29 14.93
N GLY B 72 15.47 20.24 14.46
CA GLY B 72 16.12 18.95 14.33
C GLY B 72 15.28 17.90 13.64
N SER B 73 15.91 16.78 13.28
CA SER B 73 15.23 15.68 12.59
C SER B 73 15.49 14.32 13.21
N ILE B 74 14.50 13.45 13.14
CA ILE B 74 14.61 12.10 13.71
C ILE B 74 14.14 11.04 12.70
N SER B 75 14.88 9.94 12.61
CA SER B 75 14.54 8.85 11.69
C SER B 75 14.12 7.59 12.46
N SER B 76 12.98 7.02 12.10
CA SER B 76 12.44 5.83 12.76
C SER B 76 13.26 4.54 12.60
N HIS B 77 13.98 4.41 11.49
CA HIS B 77 14.83 3.24 11.27
C HIS B 77 15.82 3.56 10.16
N PHE B 78 16.77 2.66 9.89
CA PHE B 78 17.81 2.93 8.90
C PHE B 78 17.46 2.90 7.40
N HIS B 79 16.44 2.14 7.00
CA HIS B 79 16.07 2.10 5.58
C HIS B 79 16.02 3.53 5.05
N SER B 80 16.50 3.72 3.83
CA SER B 80 16.57 5.04 3.22
C SER B 80 15.27 5.85 3.17
N ASP B 81 14.12 5.20 3.30
CA ASP B 81 12.87 5.96 3.25
C ASP B 81 12.66 6.73 4.55
N SER B 82 13.65 6.64 5.45
CA SER B 82 13.63 7.33 6.73
C SER B 82 14.90 8.17 6.92
N THR B 83 16.00 7.70 6.33
CA THR B 83 17.29 8.38 6.45
C THR B 83 17.83 8.96 5.15
N GLY B 84 17.04 8.87 4.08
CA GLY B 84 17.47 9.36 2.80
C GLY B 84 18.10 10.75 2.78
N GLY B 85 17.57 11.66 3.60
CA GLY B 85 18.10 13.01 3.63
C GLY B 85 18.96 13.39 4.82
N ILE B 86 19.60 12.43 5.47
CA ILE B 86 20.45 12.74 6.61
C ILE B 86 21.74 13.42 6.14
N GLU B 87 22.25 12.99 4.99
CA GLU B 87 23.45 13.58 4.43
C GLU B 87 23.24 15.08 4.21
N TRP B 88 22.13 15.42 3.58
CA TRP B 88 21.81 16.81 3.30
C TRP B 88 21.52 17.62 4.55
N LEU B 89 20.79 17.03 5.49
CA LEU B 89 20.47 17.73 6.72
C LEU B 89 21.75 18.05 7.50
N ASN B 90 22.71 17.12 7.47
CA ASN B 90 23.97 17.34 8.16
C ASN B 90 24.75 18.43 7.43
N SER B 91 24.83 18.30 6.11
CA SER B 91 25.54 19.27 5.29
C SER B 91 25.06 20.68 5.62
N ARG B 92 23.74 20.85 5.65
CA ARG B 92 23.14 22.15 5.96
C ARG B 92 23.12 22.42 7.45
N SER B 93 23.95 21.68 8.19
CA SER B 93 24.05 21.82 9.63
C SER B 93 22.72 21.84 10.37
N ILE B 94 21.97 20.74 10.26
CA ILE B 94 20.69 20.62 10.94
C ILE B 94 20.74 19.36 11.80
N PRO B 95 20.42 19.51 13.10
CA PRO B 95 20.42 18.44 14.12
C PRO B 95 19.66 17.17 13.72
N THR B 96 20.40 16.10 13.48
CA THR B 96 19.80 14.83 13.08
C THR B 96 19.95 13.78 14.17
N TYR B 97 18.87 13.09 14.50
CA TYR B 97 18.88 12.05 15.53
C TYR B 97 18.45 10.71 14.97
N ALA B 98 19.11 9.66 15.45
CA ALA B 98 18.84 8.29 15.05
C ALA B 98 19.26 7.42 16.23
N SER B 99 18.55 6.33 16.46
CA SER B 99 18.89 5.45 17.59
C SER B 99 20.32 4.96 17.49
N GLU B 100 20.84 4.49 18.63
CA GLU B 100 22.21 3.97 18.68
C GLU B 100 22.34 2.76 17.75
N LEU B 101 21.30 1.95 17.68
CA LEU B 101 21.29 0.76 16.83
C LEU B 101 21.17 1.18 15.37
N THR B 102 20.43 2.26 15.14
CA THR B 102 20.20 2.77 13.80
C THR B 102 21.50 3.29 13.21
N ASN B 103 22.21 4.12 13.96
CA ASN B 103 23.47 4.69 13.51
C ASN B 103 24.52 3.60 13.32
N GLU B 104 24.38 2.51 14.08
CA GLU B 104 25.33 1.40 13.98
C GLU B 104 25.05 0.62 12.71
N LEU B 105 23.78 0.54 12.31
CA LEU B 105 23.42 -0.17 11.08
C LEU B 105 23.80 0.71 9.89
N LEU B 106 23.54 2.01 10.00
CA LEU B 106 23.89 2.94 8.94
C LEU B 106 25.39 2.86 8.68
N LYS B 107 26.16 2.77 9.75
CA LYS B 107 27.61 2.69 9.66
C LYS B 107 28.05 1.37 9.03
N LYS B 108 27.32 0.30 9.29
CA LYS B 108 27.65 -1.01 8.75
C LYS B 108 27.33 -1.03 7.26
N ASP B 109 26.32 -0.28 6.85
CA ASP B 109 25.87 -0.21 5.45
C ASP B 109 26.57 0.90 4.65
N GLY B 110 27.59 1.50 5.26
CA GLY B 110 28.31 2.56 4.57
C GLY B 110 27.45 3.75 4.24
N LYS B 111 26.65 4.18 5.21
CA LYS B 111 25.78 5.34 5.03
C LYS B 111 26.13 6.43 6.04
N VAL B 112 25.82 7.67 5.69
CA VAL B 112 26.10 8.80 6.58
C VAL B 112 25.16 8.69 7.78
N GLN B 113 25.74 8.69 8.97
CA GLN B 113 24.96 8.58 10.21
C GLN B 113 24.37 9.90 10.67
N ALA B 114 23.53 9.84 11.69
CA ALA B 114 22.90 11.01 12.26
C ALA B 114 23.82 11.56 13.33
N THR B 115 23.99 12.88 13.34
CA THR B 115 24.85 13.55 14.29
C THR B 115 24.64 13.10 15.74
N ASN B 116 23.38 13.04 16.16
CA ASN B 116 23.07 12.65 17.53
C ASN B 116 22.40 11.28 17.63
N SER B 117 22.81 10.50 18.62
CA SER B 117 22.23 9.18 18.85
C SER B 117 21.57 9.15 20.22
N PHE B 118 21.04 7.98 20.59
CA PHE B 118 20.36 7.81 21.87
C PHE B 118 19.94 6.35 21.98
N SER B 119 19.86 5.83 23.19
CA SER B 119 19.48 4.44 23.37
C SER B 119 18.46 4.28 24.49
N GLY B 120 18.02 3.04 24.70
CA GLY B 120 17.04 2.78 25.73
C GLY B 120 15.64 2.66 25.20
N VAL B 121 14.70 2.35 26.11
CA VAL B 121 13.30 2.21 25.74
C VAL B 121 12.67 3.56 25.41
N ASN B 122 12.77 4.51 26.33
CA ASN B 122 12.20 5.84 26.10
C ASN B 122 13.25 6.94 26.02
N TYR B 123 12.97 7.92 25.16
CA TYR B 123 13.87 9.06 24.95
C TYR B 123 13.03 10.25 24.51
N TRP B 124 13.18 11.39 25.19
CA TRP B 124 12.40 12.57 24.82
C TRP B 124 13.16 13.56 23.95
N LEU B 125 12.87 13.56 22.65
CA LEU B 125 13.53 14.47 21.73
C LEU B 125 13.20 15.88 22.20
N VAL B 126 12.00 16.02 22.76
CA VAL B 126 11.50 17.29 23.30
C VAL B 126 10.62 16.91 24.48
N LYS B 127 11.07 17.22 25.69
CA LYS B 127 10.32 16.87 26.89
C LYS B 127 8.93 17.48 26.94
N ASN B 128 7.95 16.64 27.33
CA ASN B 128 6.56 17.04 27.45
C ASN B 128 5.91 17.24 26.08
N LYS B 129 6.66 16.99 25.01
CA LYS B 129 6.12 17.20 23.67
C LYS B 129 6.40 16.11 22.63
N ILE B 130 7.66 15.68 22.53
CA ILE B 130 8.04 14.65 21.56
C ILE B 130 8.79 13.50 22.20
N GLU B 131 8.21 12.31 22.15
CA GLU B 131 8.84 11.12 22.74
C GLU B 131 9.07 9.98 21.76
N VAL B 132 10.23 9.34 21.91
CA VAL B 132 10.62 8.21 21.07
C VAL B 132 10.54 6.95 21.92
N PHE B 133 10.01 5.87 21.34
CA PHE B 133 9.84 4.61 22.04
C PHE B 133 10.36 3.43 21.20
N TYR B 134 11.01 2.47 21.84
CA TYR B 134 11.54 1.30 21.15
C TYR B 134 10.82 0.04 21.64
N PRO B 135 9.89 -0.49 20.82
CA PRO B 135 9.12 -1.69 21.14
C PRO B 135 9.89 -3.00 20.98
N GLY B 136 11.07 -2.92 20.38
CA GLY B 136 11.86 -4.12 20.17
C GLY B 136 11.87 -4.49 18.69
N PRO B 137 12.75 -5.40 18.25
CA PRO B 137 12.83 -5.82 16.84
C PRO B 137 11.48 -6.10 16.19
N GLY B 138 11.38 -5.81 14.90
CA GLY B 138 10.15 -6.04 14.15
C GLY B 138 10.42 -5.95 12.66
N HIS B 139 10.00 -4.85 12.06
CA HIS B 139 10.19 -4.58 10.63
C HIS B 139 11.70 -4.57 10.38
N THR B 140 12.43 -4.11 11.38
CA THR B 140 13.89 -4.03 11.37
C THR B 140 14.35 -4.10 12.83
N PRO B 141 15.60 -4.52 13.08
CA PRO B 141 16.12 -4.63 14.44
C PRO B 141 16.13 -3.34 15.24
N ASP B 142 16.06 -2.21 14.55
CA ASP B 142 16.13 -0.90 15.20
C ASP B 142 14.86 -0.05 15.25
N ASN B 143 13.86 -0.37 14.42
CA ASN B 143 12.65 0.44 14.39
C ASN B 143 12.11 0.90 15.74
N VAL B 144 11.82 2.20 15.81
CA VAL B 144 11.27 2.83 17.00
C VAL B 144 10.09 3.66 16.52
N VAL B 145 9.23 4.09 17.45
CA VAL B 145 8.08 4.89 17.07
C VAL B 145 8.14 6.25 17.75
N VAL B 146 7.29 7.17 17.31
CA VAL B 146 7.24 8.50 17.89
C VAL B 146 5.86 8.82 18.42
N TRP B 147 5.80 9.30 19.65
CA TRP B 147 4.54 9.64 20.29
C TRP B 147 4.43 11.14 20.53
N LEU B 148 3.28 11.71 20.18
CA LEU B 148 3.04 13.14 20.39
C LEU B 148 1.95 13.28 21.46
N PRO B 149 2.35 13.27 22.73
CA PRO B 149 1.50 13.39 23.92
C PRO B 149 0.42 14.48 23.81
N GLU B 150 0.85 15.66 23.39
CA GLU B 150 -0.06 16.81 23.27
C GLU B 150 -1.10 16.69 22.16
N ARG B 151 -1.13 15.54 21.47
CA ARG B 151 -2.10 15.34 20.39
C ARG B 151 -2.61 13.90 20.30
N LYS B 152 -2.06 13.03 21.14
CA LYS B 152 -2.47 11.63 21.14
C LYS B 152 -2.22 11.01 19.78
N ILE B 153 -1.21 11.52 19.07
CA ILE B 153 -0.87 11.01 17.75
C ILE B 153 0.44 10.23 17.80
N LEU B 154 0.40 9.00 17.29
CA LEU B 154 1.57 8.15 17.27
C LEU B 154 2.01 7.88 15.84
N PHE B 155 3.26 8.20 15.52
CA PHE B 155 3.78 7.93 14.20
C PHE B 155 4.31 6.49 14.27
N GLY B 156 3.60 5.57 13.63
CA GLY B 156 4.02 4.18 13.67
C GLY B 156 5.26 3.81 12.89
N GLY B 157 5.51 4.49 11.78
CA GLY B 157 6.68 4.18 10.98
C GLY B 157 6.45 2.96 10.11
N CYS B 158 7.55 2.33 9.69
CA CYS B 158 7.46 1.14 8.84
C CYS B 158 7.26 -0.12 9.68
N PHE B 159 7.05 0.08 10.98
CA PHE B 159 6.82 -1.03 11.90
C PHE B 159 5.33 -1.36 11.87
N ILE B 160 4.51 -0.34 11.60
CA ILE B 160 3.07 -0.49 11.53
C ILE B 160 2.65 -0.98 10.14
N LYS B 161 2.53 -2.29 10.00
CA LYS B 161 2.12 -2.94 8.76
C LYS B 161 0.78 -3.68 8.88
N PRO B 162 -0.31 -2.93 9.14
CA PRO B 162 -1.67 -3.46 9.30
C PRO B 162 -2.27 -4.42 8.27
N TYR B 163 -1.85 -4.36 7.01
CA TYR B 163 -2.45 -5.23 5.98
C TYR B 163 -1.47 -6.16 5.28
N GLY B 164 -0.33 -6.39 5.92
CA GLY B 164 0.68 -7.25 5.34
C GLY B 164 2.01 -6.69 5.79
N LEU B 165 2.92 -7.58 6.18
CA LEU B 165 4.24 -7.16 6.67
C LEU B 165 5.15 -6.41 5.70
N GLY B 166 4.99 -6.66 4.40
CA GLY B 166 5.83 -5.96 3.43
C GLY B 166 7.26 -6.51 3.34
N ASN B 167 8.16 -5.70 2.81
CA ASN B 167 9.56 -6.10 2.65
C ASN B 167 10.15 -6.67 3.94
N LEU B 168 10.37 -7.97 3.95
CA LEU B 168 10.91 -8.68 5.10
C LEU B 168 12.42 -8.85 5.11
N GLY B 169 13.09 -8.19 4.17
CA GLY B 169 14.53 -8.29 4.09
C GLY B 169 15.30 -8.19 5.40
N ASP B 170 14.93 -7.23 6.25
CA ASP B 170 15.62 -7.04 7.52
C ASP B 170 14.70 -7.26 8.73
N ALA B 171 13.57 -7.91 8.49
CA ALA B 171 12.61 -8.17 9.55
C ALA B 171 13.05 -9.25 10.53
N ASN B 172 12.58 -9.11 11.77
CA ASN B 172 12.86 -10.06 12.83
C ASN B 172 11.49 -10.65 13.13
N ILE B 173 11.10 -11.65 12.33
CA ILE B 173 9.81 -12.29 12.45
C ILE B 173 9.43 -12.88 13.82
N GLU B 174 10.39 -13.47 14.53
CA GLU B 174 10.09 -14.05 15.84
C GLU B 174 9.79 -12.97 16.88
N ALA B 175 10.58 -11.90 16.86
CA ALA B 175 10.45 -10.81 17.81
C ALA B 175 9.31 -9.83 17.53
N TRP B 176 8.94 -9.69 16.27
CA TRP B 176 7.88 -8.75 15.88
C TRP B 176 6.55 -8.90 16.63
N PRO B 177 6.06 -10.13 16.80
CA PRO B 177 4.78 -10.27 17.51
C PRO B 177 4.79 -9.80 18.98
N LYS B 178 5.89 -10.02 19.69
CA LYS B 178 5.97 -9.59 21.08
C LYS B 178 6.07 -8.07 21.14
N SER B 179 6.83 -7.51 20.20
CA SER B 179 7.03 -6.07 20.13
C SER B 179 5.71 -5.37 19.81
N ALA B 180 4.89 -6.00 18.98
CA ALA B 180 3.60 -5.44 18.60
C ALA B 180 2.70 -5.47 19.83
N LYS B 181 2.88 -6.50 20.66
CA LYS B 181 2.10 -6.65 21.87
C LYS B 181 2.45 -5.48 22.79
N LEU B 182 3.74 -5.32 23.04
CA LEU B 182 4.25 -4.26 23.89
C LEU B 182 3.72 -2.92 23.40
N LEU B 183 3.90 -2.68 22.10
CA LEU B 183 3.45 -1.44 21.48
C LEU B 183 1.96 -1.22 21.61
N LYS B 184 1.18 -2.29 21.44
CA LYS B 184 -0.27 -2.18 21.53
C LYS B 184 -0.72 -1.61 22.87
N SER B 185 -0.27 -2.23 23.96
CA SER B 185 -0.64 -1.77 25.30
C SER B 185 -0.06 -0.40 25.61
N LYS B 186 1.25 -0.25 25.39
CA LYS B 186 1.94 1.00 25.66
C LYS B 186 1.25 2.22 25.06
N TYR B 187 0.72 2.09 23.86
CA TYR B 187 0.05 3.20 23.17
C TYR B 187 -1.37 2.92 22.68
N GLY B 188 -2.09 2.03 23.37
CA GLY B 188 -3.45 1.71 22.95
C GLY B 188 -4.36 2.93 23.09
N LYS B 189 -3.84 4.00 23.68
CA LYS B 189 -4.62 5.22 23.90
C LYS B 189 -4.39 6.24 22.78
N ALA B 190 -3.97 5.76 21.61
CA ALA B 190 -3.71 6.64 20.48
C ALA B 190 -4.99 7.04 19.75
N LYS B 191 -5.05 8.31 19.36
CA LYS B 191 -6.21 8.83 18.64
C LYS B 191 -5.98 8.70 17.14
N LEU B 192 -4.70 8.67 16.76
CA LEU B 192 -4.31 8.52 15.37
C LEU B 192 -2.97 7.84 15.24
N VAL B 193 -2.94 6.76 14.47
CA VAL B 193 -1.70 6.02 14.25
C VAL B 193 -1.32 6.26 12.79
N VAL B 194 -0.13 6.80 12.58
CA VAL B 194 0.35 7.10 11.23
C VAL B 194 1.37 6.07 10.74
N PRO B 195 1.00 5.29 9.71
CA PRO B 195 1.91 4.28 9.15
C PRO B 195 2.77 4.93 8.09
N SER B 196 3.92 4.32 7.80
CA SER B 196 4.81 4.86 6.79
C SER B 196 4.29 4.56 5.38
N HIS B 197 3.65 3.42 5.22
CA HIS B 197 3.14 3.01 3.91
C HIS B 197 1.64 2.79 3.77
N SER B 198 0.86 3.18 4.77
CA SER B 198 -0.58 3.02 4.70
C SER B 198 -1.21 4.34 5.12
N GLU B 199 -2.53 4.47 4.93
CA GLU B 199 -3.20 5.69 5.31
C GLU B 199 -3.36 5.77 6.83
N VAL B 200 -3.54 6.99 7.32
CA VAL B 200 -3.71 7.21 8.75
C VAL B 200 -4.98 6.54 9.26
N GLY B 201 -4.96 6.17 10.54
CA GLY B 201 -6.09 5.53 11.17
C GLY B 201 -5.98 5.71 12.67
N ASP B 202 -6.63 4.85 13.43
CA ASP B 202 -6.59 4.96 14.88
C ASP B 202 -5.99 3.70 15.53
N ALA B 203 -6.03 3.65 16.87
CA ALA B 203 -5.48 2.55 17.64
C ALA B 203 -5.72 1.17 17.05
N SER B 204 -6.80 0.99 16.30
CA SER B 204 -7.10 -0.29 15.69
C SER B 204 -5.93 -0.81 14.85
N LEU B 205 -5.13 0.10 14.30
CA LEU B 205 -3.98 -0.29 13.48
C LEU B 205 -2.94 -1.03 14.31
N LEU B 206 -2.94 -0.80 15.62
CA LEU B 206 -1.99 -1.46 16.50
C LEU B 206 -2.40 -2.93 16.60
N LYS B 207 -3.71 -3.15 16.68
CA LYS B 207 -4.25 -4.50 16.76
C LYS B 207 -3.94 -5.24 15.47
N LEU B 208 -4.25 -4.59 14.34
CA LEU B 208 -4.02 -5.18 13.03
C LEU B 208 -2.56 -5.57 12.80
N THR B 209 -1.64 -4.73 13.24
CA THR B 209 -0.21 -5.02 13.07
C THR B 209 0.16 -6.31 13.82
N LEU B 210 -0.26 -6.40 15.08
CA LEU B 210 0.02 -7.57 15.90
C LEU B 210 -0.46 -8.84 15.22
N GLU B 211 -1.69 -8.79 14.72
CA GLU B 211 -2.28 -9.94 14.04
C GLU B 211 -1.44 -10.35 12.83
N GLN B 212 -0.93 -9.36 12.09
CA GLN B 212 -0.10 -9.65 10.93
C GLN B 212 1.20 -10.30 11.37
N ALA B 213 1.84 -9.74 12.38
CA ALA B 213 3.10 -10.26 12.90
C ALA B 213 2.92 -11.72 13.29
N VAL B 214 1.93 -11.99 14.13
CA VAL B 214 1.62 -13.35 14.58
C VAL B 214 1.42 -14.25 13.36
N LYS B 215 0.60 -13.78 12.41
CA LYS B 215 0.36 -14.56 11.21
C LYS B 215 1.66 -14.69 10.42
N GLY B 216 2.61 -13.82 10.77
CA GLY B 216 3.91 -13.82 10.11
C GLY B 216 4.81 -14.91 10.65
N LEU B 217 4.84 -15.03 11.97
CA LEU B 217 5.64 -16.04 12.62
C LEU B 217 5.04 -17.44 12.42
N ASN B 218 3.71 -17.55 12.48
CA ASN B 218 3.03 -18.83 12.29
C ASN B 218 3.18 -19.21 10.83
N GLU B 219 3.05 -18.22 9.97
CA GLU B 219 3.18 -18.48 8.56
C GLU B 219 4.62 -18.76 8.15
N SER B 220 5.55 -18.58 9.08
CA SER B 220 6.97 -18.79 8.81
C SER B 220 7.54 -20.10 9.36
N LYS B 221 6.71 -20.88 10.04
CA LYS B 221 7.20 -22.14 10.60
C LYS B 221 6.34 -23.37 10.31
#